data_4CGO
#
_entry.id   4CGO
#
_cell.length_a   47.813
_cell.length_b   90.628
_cell.length_c   53.200
_cell.angle_alpha   90.00
_cell.angle_beta   111.91
_cell.angle_gamma   90.00
#
_symmetry.space_group_name_H-M   'P 1 21 1'
#
loop_
_entity.id
_entity.type
_entity.pdbx_description
1 polymer 'GLYCYLPEPTIDE N-TETRADECANOYLTRANSFERASE'
2 non-polymer 'MAGNESIUM ION'
3 non-polymer TETRADECANOYL-COA
4 non-polymer 3-[methyl-[2-[methyl-(1-methylpiperidin-4-yl)amino]thieno[3,2-d]pyrimidin-4-yl]amino]propanenitrile
5 water water
#
_entity_poly.entity_id   1
_entity_poly.type   'polypeptide(L)'
_entity_poly.pdbx_seq_one_letter_code
;AHAFWSTQPVPQTEDETEKIVFAGPMDEPKTVADIPEEPYPIASTFEWWTPNMEAADDIHAIYELLRDNYVEDDDSMFRF
NYSEEFLQWALCPPNYIPDWHVAVRRKADKKLLAFIAGVPVTLRMGTPKYMKVKAQEKGEGEEAAKYDEPRHICEINFLC
VHKQLREKRLAPILIKEATRRVNRTNVWQAVYTAGVLLPTPYASGQYFHRSLNPEKLVEIRFSGIPAQYQKFQNPMAMLK
RNYQLPSAPKNSGLREMKPSDVPQVRRILMNYLDSFDVGPVFSDAEISHYLLPRDGVVFTYVVENDKKVTDFFSFYRIPS
TVIGNSNYNLLNAAYVHYYAATSIPLHQLILDLLIVAHSRGFDVCNMVEILDNRSFVEQLKFGAGDGHLRYYFYNWAYPK
IKPSQVALVML
;
_entity_poly.pdbx_strand_id   A
#
# COMPACT_ATOMS: atom_id res chain seq x y z
N ALA A 1 -20.89 -18.59 4.45
CA ALA A 1 -20.64 -17.30 3.78
C ALA A 1 -19.23 -17.15 3.22
N HIS A 2 -18.18 -17.61 3.92
CA HIS A 2 -16.80 -17.54 3.31
C HIS A 2 -16.19 -18.92 3.29
N ALA A 3 -16.45 -19.69 2.24
CA ALA A 3 -15.93 -21.09 2.16
C ALA A 3 -14.42 -21.18 2.25
N PHE A 4 -13.71 -20.11 1.87
CA PHE A 4 -12.22 -20.13 2.00
C PHE A 4 -11.81 -19.49 3.28
N TRP A 5 -12.22 -18.20 3.48
CA TRP A 5 -11.74 -17.47 4.61
C TRP A 5 -12.12 -18.00 6.00
N SER A 6 -13.22 -18.81 6.05
CA SER A 6 -13.61 -19.49 7.30
C SER A 6 -12.63 -20.61 7.64
N THR A 7 -11.77 -21.04 6.75
CA THR A 7 -10.77 -22.09 7.03
C THR A 7 -9.39 -21.55 7.45
N GLN A 8 -9.26 -20.22 7.46
CA GLN A 8 -7.95 -19.58 7.59
C GLN A 8 -7.77 -18.94 8.96
N PRO A 9 -6.49 -18.78 9.42
CA PRO A 9 -6.25 -18.22 10.75
C PRO A 9 -6.33 -16.69 10.74
N VAL A 10 -7.57 -16.22 10.57
CA VAL A 10 -7.85 -14.76 10.66
C VAL A 10 -9.06 -14.56 11.55
N PRO A 11 -9.24 -13.44 12.22
CA PRO A 11 -10.48 -13.21 13.01
C PRO A 11 -11.69 -13.35 12.10
N GLN A 12 -12.76 -14.03 12.60
CA GLN A 12 -13.87 -14.35 11.69
C GLN A 12 -14.99 -13.29 11.69
N THR A 13 -15.04 -12.52 12.76
CA THR A 13 -16.09 -11.47 12.82
C THR A 13 -15.56 -10.24 13.54
N GLU A 14 -16.31 -9.13 13.44
CA GLU A 14 -16.04 -7.95 14.30
C GLU A 14 -16.18 -8.27 15.79
N ASP A 15 -17.25 -8.98 16.15
CA ASP A 15 -17.47 -9.46 17.53
C ASP A 15 -16.23 -10.11 18.07
N GLU A 16 -15.73 -11.11 17.36
CA GLU A 16 -14.43 -11.70 17.71
C GLU A 16 -13.32 -10.62 17.80
N THR A 17 -13.19 -9.78 16.77
CA THR A 17 -12.22 -8.71 16.81
C THR A 17 -12.37 -7.80 18.05
N GLU A 18 -13.61 -7.68 18.56
CA GLU A 18 -13.88 -6.88 19.76
C GLU A 18 -13.35 -7.50 21.05
N LYS A 19 -13.18 -8.81 21.08
CA LYS A 19 -12.68 -9.49 22.30
C LYS A 19 -11.14 -9.47 22.30
N ILE A 20 -10.51 -8.98 21.19
CA ILE A 20 -9.04 -9.04 21.10
C ILE A 20 -8.37 -7.93 21.85
N VAL A 21 -7.56 -8.34 22.83
N VAL A 21 -7.39 -8.36 22.66
CA VAL A 21 -6.91 -7.37 23.60
CA VAL A 21 -6.96 -7.54 23.73
C VAL A 21 -5.44 -7.49 22.95
C VAL A 21 -5.37 -7.54 23.63
N PHE A 22 -4.73 -8.59 23.04
CA PHE A 22 -3.27 -8.57 22.86
C PHE A 22 -2.84 -9.05 21.50
N ALA A 23 -1.78 -8.44 20.97
CA ALA A 23 -1.20 -8.97 19.69
C ALA A 23 -0.71 -10.40 19.92
N GLY A 24 -0.85 -11.30 18.97
CA GLY A 24 -0.16 -12.58 19.06
C GLY A 24 -0.70 -13.49 17.94
N PRO A 25 -0.14 -14.65 17.72
CA PRO A 25 -0.53 -15.56 16.65
C PRO A 25 -1.91 -16.18 16.85
N MET A 26 -2.55 -16.57 15.79
CA MET A 26 -3.82 -17.31 15.93
CA MET A 26 -3.86 -17.29 15.85
C MET A 26 -3.61 -18.80 15.87
N ASP A 27 -2.77 -19.32 14.98
CA ASP A 27 -2.60 -20.77 14.76
C ASP A 27 -1.69 -21.32 15.78
N GLU A 28 -1.80 -22.63 15.96
CA GLU A 28 -0.79 -23.35 16.77
CA GLU A 28 -0.81 -23.33 16.80
C GLU A 28 0.67 -23.18 16.22
N PRO A 29 1.69 -23.29 17.09
CA PRO A 29 3.08 -23.21 16.64
C PRO A 29 3.36 -24.30 15.67
N LYS A 30 4.04 -24.00 14.58
CA LYS A 30 4.46 -25.09 13.65
C LYS A 30 5.89 -24.78 13.23
N THR A 31 6.56 -25.74 12.57
CA THR A 31 7.93 -25.58 12.13
C THR A 31 7.99 -25.68 10.61
N VAL A 32 9.07 -25.30 9.97
CA VAL A 32 9.26 -25.51 8.56
C VAL A 32 9.09 -27.02 8.21
N ALA A 33 9.60 -27.88 9.13
CA ALA A 33 9.52 -29.32 8.87
C ALA A 33 8.08 -29.81 8.79
N ASP A 34 7.15 -29.11 9.44
CA ASP A 34 5.75 -29.50 9.30
C ASP A 34 5.09 -29.12 7.99
N ILE A 35 5.77 -28.30 7.15
CA ILE A 35 5.09 -27.75 6.00
C ILE A 35 5.47 -28.59 4.84
N PRO A 36 4.38 -28.95 4.04
CA PRO A 36 4.56 -29.72 2.86
C PRO A 36 5.72 -29.21 1.98
N GLU A 37 6.61 -30.08 1.69
CA GLU A 37 7.66 -29.81 0.71
CA GLU A 37 7.68 -29.71 0.77
C GLU A 37 7.27 -29.58 -0.75
N GLU A 38 6.19 -30.31 -1.17
CA GLU A 38 5.66 -30.35 -2.52
CA GLU A 38 5.64 -30.45 -2.54
C GLU A 38 4.70 -29.19 -2.67
N PRO A 39 4.64 -28.58 -3.87
CA PRO A 39 3.71 -27.53 -4.14
C PRO A 39 2.22 -27.95 -3.87
N TYR A 40 1.39 -26.99 -3.56
CA TYR A 40 -0.02 -27.31 -3.36
C TYR A 40 -0.57 -27.92 -4.67
N PRO A 41 -1.45 -28.93 -4.61
CA PRO A 41 -2.01 -29.50 -5.84
C PRO A 41 -2.72 -28.52 -6.71
N ILE A 42 -2.63 -28.69 -8.02
CA ILE A 42 -3.28 -27.82 -8.95
C ILE A 42 -3.69 -28.73 -10.13
N ALA A 43 -4.74 -28.29 -10.83
CA ALA A 43 -5.26 -29.09 -11.97
C ALA A 43 -4.19 -29.37 -12.94
N SER A 44 -4.31 -30.54 -13.57
CA SER A 44 -3.29 -31.04 -14.47
C SER A 44 -3.02 -30.21 -15.76
N THR A 45 -4.00 -29.37 -16.09
CA THR A 45 -3.80 -28.45 -17.18
C THR A 45 -3.06 -27.15 -16.81
N PHE A 46 -2.77 -26.94 -15.54
CA PHE A 46 -2.07 -25.73 -15.08
C PHE A 46 -0.76 -26.07 -14.48
N GLU A 47 0.11 -25.07 -14.24
CA GLU A 47 1.37 -25.31 -13.56
C GLU A 47 1.74 -24.07 -12.75
N TRP A 48 2.44 -24.25 -11.69
CA TRP A 48 3.04 -23.13 -10.98
C TRP A 48 4.25 -22.63 -11.72
N TRP A 49 4.48 -21.32 -11.68
CA TRP A 49 5.62 -20.64 -12.37
C TRP A 49 6.15 -19.55 -11.43
N THR A 50 7.43 -19.47 -11.20
CA THR A 50 8.04 -18.46 -10.38
C THR A 50 8.68 -17.51 -11.36
N PRO A 51 8.15 -16.34 -11.65
CA PRO A 51 8.83 -15.36 -12.57
C PRO A 51 10.03 -14.82 -11.88
N ASN A 52 11.01 -14.44 -12.70
CA ASN A 52 12.14 -13.67 -12.19
C ASN A 52 11.82 -12.19 -12.35
N MET A 53 11.40 -11.51 -11.26
CA MET A 53 10.98 -10.08 -11.38
CA MET A 53 11.06 -10.13 -11.18
C MET A 53 12.11 -9.06 -11.42
N GLU A 54 13.35 -9.53 -11.62
CA GLU A 54 14.38 -8.62 -12.09
C GLU A 54 14.70 -8.83 -13.58
N ALA A 55 14.07 -9.77 -14.31
CA ALA A 55 14.35 -10.08 -15.76
C ALA A 55 13.29 -9.37 -16.51
N ALA A 56 13.68 -8.44 -17.37
CA ALA A 56 12.76 -7.64 -18.16
C ALA A 56 11.61 -8.44 -18.74
N ASP A 57 11.88 -9.54 -19.41
CA ASP A 57 10.77 -10.23 -20.03
C ASP A 57 9.74 -10.88 -19.07
N ASP A 58 10.20 -11.37 -17.94
CA ASP A 58 9.23 -11.92 -17.00
C ASP A 58 8.44 -10.78 -16.33
N ILE A 59 9.11 -9.67 -16.06
CA ILE A 59 8.36 -8.49 -15.51
C ILE A 59 7.34 -8.09 -16.59
N HIS A 60 7.68 -8.08 -17.86
CA HIS A 60 6.71 -7.74 -18.85
C HIS A 60 5.51 -8.63 -18.92
N ALA A 61 5.72 -9.95 -18.74
CA ALA A 61 4.60 -10.87 -18.76
C ALA A 61 3.66 -10.62 -17.59
N ILE A 62 4.18 -10.38 -16.37
CA ILE A 62 3.34 -10.06 -15.22
C ILE A 62 2.70 -8.68 -15.45
N TYR A 63 3.41 -7.72 -15.96
CA TYR A 63 2.85 -6.41 -16.28
C TYR A 63 1.63 -6.55 -17.20
N GLU A 64 1.67 -7.39 -18.27
CA GLU A 64 0.47 -7.48 -19.12
C GLU A 64 -0.69 -8.10 -18.39
N LEU A 65 -0.46 -9.16 -17.58
CA LEU A 65 -1.56 -9.71 -16.84
C LEU A 65 -2.26 -8.62 -15.99
N LEU A 66 -1.48 -7.85 -15.25
CA LEU A 66 -2.05 -6.87 -14.36
C LEU A 66 -2.70 -5.72 -15.14
N ARG A 67 -2.05 -5.30 -16.25
CA ARG A 67 -2.62 -4.22 -17.10
C ARG A 67 -4.04 -4.60 -17.53
N ASP A 68 -4.23 -5.87 -17.88
CA ASP A 68 -5.53 -6.26 -18.49
C ASP A 68 -6.50 -6.81 -17.52
N ASN A 69 -6.06 -7.15 -16.30
CA ASN A 69 -6.91 -7.90 -15.35
C ASN A 69 -6.86 -7.47 -13.90
N TYR A 70 -6.09 -6.45 -13.58
CA TYR A 70 -6.01 -6.01 -12.17
C TYR A 70 -7.16 -5.10 -11.80
N VAL A 71 -7.08 -4.40 -10.65
CA VAL A 71 -8.29 -3.81 -10.08
C VAL A 71 -8.84 -2.68 -10.98
N GLU A 72 -10.17 -2.75 -11.16
CA GLU A 72 -10.89 -1.72 -11.89
C GLU A 72 -12.06 -1.28 -11.09
N ASP A 73 -12.57 -0.09 -11.42
CA ASP A 73 -13.76 0.37 -10.70
C ASP A 73 -14.99 -0.47 -11.18
N ASP A 74 -16.11 -0.31 -10.42
CA ASP A 74 -17.33 -1.09 -10.81
C ASP A 74 -18.00 -0.73 -12.15
N ASP A 75 -17.71 0.51 -12.59
CA ASP A 75 -18.24 0.97 -13.87
C ASP A 75 -17.28 0.73 -15.00
N SER A 76 -16.20 0.00 -14.64
CA SER A 76 -15.14 -0.38 -15.63
C SER A 76 -14.77 0.86 -16.51
N MET A 77 -14.41 1.98 -15.84
CA MET A 77 -13.84 3.20 -16.44
CA MET A 77 -13.83 3.18 -16.45
C MET A 77 -12.31 3.29 -16.30
N PHE A 78 -11.78 2.75 -15.19
CA PHE A 78 -10.34 2.86 -14.93
C PHE A 78 -9.87 1.53 -14.43
N ARG A 79 -8.66 1.18 -14.93
CA ARG A 79 -8.03 -0.07 -14.42
C ARG A 79 -6.57 0.28 -14.13
N PHE A 80 -6.06 -0.13 -12.98
CA PHE A 80 -4.60 0.19 -12.75
C PHE A 80 -3.70 -0.34 -13.83
N ASN A 81 -2.65 0.48 -14.09
CA ASN A 81 -1.63 0.10 -15.11
C ASN A 81 -0.26 0.36 -14.43
N TYR A 82 0.03 -0.36 -13.38
CA TYR A 82 1.33 -0.28 -12.74
C TYR A 82 2.43 -0.56 -13.78
N SER A 83 3.50 0.22 -13.80
CA SER A 83 4.47 0.08 -14.86
C SER A 83 5.44 -1.03 -14.55
N GLU A 84 6.11 -1.48 -15.66
CA GLU A 84 7.12 -2.47 -15.45
C GLU A 84 8.24 -2.08 -14.44
N GLU A 85 8.66 -0.84 -14.56
CA GLU A 85 9.68 -0.32 -13.62
C GLU A 85 9.15 -0.26 -12.18
N PHE A 86 7.86 0.06 -12.04
CA PHE A 86 7.26 0.06 -10.69
C PHE A 86 7.24 -1.33 -10.12
N LEU A 87 6.85 -2.33 -10.97
CA LEU A 87 6.76 -3.70 -10.44
C LEU A 87 8.12 -4.26 -10.00
N GLN A 88 9.18 -3.93 -10.77
CA GLN A 88 10.53 -4.43 -10.30
C GLN A 88 10.85 -3.78 -8.97
N TRP A 89 10.57 -2.46 -8.84
CA TRP A 89 10.83 -1.74 -7.57
C TRP A 89 10.06 -2.32 -6.38
N ALA A 90 8.75 -2.52 -6.61
CA ALA A 90 7.89 -2.97 -5.53
C ALA A 90 8.18 -4.41 -5.13
N LEU A 91 8.62 -5.24 -6.07
CA LEU A 91 8.66 -6.65 -5.70
CA LEU A 91 8.66 -6.68 -5.88
C LEU A 91 10.07 -7.12 -5.45
N CYS A 92 11.08 -6.26 -5.67
CA CYS A 92 12.50 -6.76 -5.43
C CYS A 92 13.21 -5.83 -4.46
N PRO A 93 12.68 -5.53 -3.29
CA PRO A 93 13.42 -4.76 -2.31
C PRO A 93 14.55 -5.60 -1.70
N PRO A 94 15.36 -5.01 -0.83
CA PRO A 94 16.51 -5.71 -0.27
C PRO A 94 16.05 -6.97 0.39
N ASN A 95 16.84 -8.03 0.06
CA ASN A 95 16.59 -9.36 0.68
C ASN A 95 15.25 -9.97 0.26
N TYR A 96 14.72 -9.60 -0.88
CA TYR A 96 13.47 -10.22 -1.25
C TYR A 96 13.69 -11.70 -1.54
N ILE A 97 12.61 -12.45 -1.50
CA ILE A 97 12.67 -13.91 -1.73
C ILE A 97 12.03 -14.21 -3.07
N PRO A 98 12.77 -14.63 -4.09
CA PRO A 98 12.17 -14.85 -5.38
C PRO A 98 10.98 -15.84 -5.36
N ASP A 99 11.10 -16.86 -4.49
CA ASP A 99 10.06 -17.88 -4.40
CA ASP A 99 10.04 -17.85 -4.47
C ASP A 99 8.71 -17.35 -3.94
N TRP A 100 8.70 -16.15 -3.33
CA TRP A 100 7.39 -15.54 -2.89
C TRP A 100 6.73 -14.86 -4.05
N HIS A 101 7.16 -14.89 -5.25
CA HIS A 101 6.46 -14.36 -6.45
C HIS A 101 5.87 -15.55 -7.14
N VAL A 102 4.57 -15.69 -7.14
CA VAL A 102 3.91 -17.00 -7.46
C VAL A 102 2.95 -16.75 -8.61
N ALA A 103 3.09 -17.47 -9.73
CA ALA A 103 2.19 -17.36 -10.85
C ALA A 103 1.67 -18.73 -11.24
N VAL A 104 0.54 -18.69 -11.94
CA VAL A 104 -0.06 -19.91 -12.57
C VAL A 104 -0.05 -19.69 -14.04
N ARG A 105 0.42 -20.69 -14.80
CA ARG A 105 0.34 -20.66 -16.25
C ARG A 105 -0.45 -21.88 -16.76
N ARG A 106 -1.09 -21.72 -17.94
CA ARG A 106 -1.76 -22.84 -18.56
CA ARG A 106 -1.79 -22.83 -18.55
C ARG A 106 -0.68 -23.58 -19.30
N LYS A 107 -0.53 -24.86 -19.02
CA LYS A 107 0.65 -25.66 -19.39
C LYS A 107 0.89 -25.78 -20.89
N ALA A 108 -0.21 -25.80 -21.67
CA ALA A 108 -0.13 -26.16 -23.09
C ALA A 108 0.75 -25.17 -23.81
N ASP A 109 0.34 -23.91 -23.67
CA ASP A 109 0.76 -22.80 -24.49
C ASP A 109 1.22 -21.67 -23.63
N LYS A 110 1.40 -21.99 -22.35
CA LYS A 110 2.00 -21.10 -21.41
C LYS A 110 1.26 -19.78 -21.14
N LYS A 111 -0.07 -19.70 -21.33
CA LYS A 111 -0.81 -18.43 -21.08
C LYS A 111 -0.74 -18.16 -19.59
N LEU A 112 -0.36 -16.98 -19.24
CA LEU A 112 -0.34 -16.56 -17.88
C LEU A 112 -1.73 -16.29 -17.27
N LEU A 113 -2.09 -16.96 -16.17
CA LEU A 113 -3.47 -16.98 -15.71
C LEU A 113 -3.64 -16.28 -14.38
N ALA A 114 -2.59 -16.20 -13.55
CA ALA A 114 -2.78 -15.68 -12.16
C ALA A 114 -1.45 -15.34 -11.58
N PHE A 115 -1.49 -14.46 -10.57
CA PHE A 115 -0.30 -14.01 -9.90
C PHE A 115 -0.62 -13.64 -8.48
N ILE A 116 0.36 -13.71 -7.58
CA ILE A 116 0.31 -13.09 -6.25
C ILE A 116 1.77 -12.89 -5.83
N ALA A 117 2.05 -11.88 -5.06
CA ALA A 117 3.44 -11.60 -4.67
C ALA A 117 3.60 -11.28 -3.23
N GLY A 118 4.58 -11.87 -2.58
CA GLY A 118 5.00 -11.46 -1.23
C GLY A 118 6.34 -10.82 -1.23
N VAL A 119 6.55 -9.86 -0.33
CA VAL A 119 7.87 -9.29 -0.14
C VAL A 119 8.11 -9.21 1.35
N PRO A 120 9.37 -9.22 1.81
CA PRO A 120 9.63 -9.09 3.23
C PRO A 120 9.34 -7.69 3.78
N VAL A 121 8.91 -7.58 5.01
CA VAL A 121 8.81 -6.27 5.69
C VAL A 121 9.14 -6.55 7.15
N THR A 122 9.80 -5.59 7.80
CA THR A 122 10.00 -5.66 9.24
C THR A 122 8.99 -4.73 9.84
N LEU A 123 8.07 -5.30 10.61
CA LEU A 123 6.89 -4.54 11.02
C LEU A 123 6.78 -4.53 12.52
N ARG A 124 6.55 -3.34 13.13
CA ARG A 124 6.07 -3.23 14.56
C ARG A 124 4.59 -3.56 14.49
N MET A 125 4.21 -4.60 15.24
CA MET A 125 2.84 -5.13 15.24
C MET A 125 2.52 -5.71 16.64
N GLY A 126 3.17 -5.14 17.66
CA GLY A 126 2.79 -5.49 19.04
C GLY A 126 1.58 -4.75 19.48
N THR A 127 1.11 -5.11 20.66
CA THR A 127 -0.11 -4.54 21.17
C THR A 127 -0.09 -3.01 21.11
N PRO A 128 -1.19 -2.43 20.60
CA PRO A 128 -1.22 -0.94 20.48
C PRO A 128 -1.27 -0.14 21.76
N LYS A 129 -0.99 1.14 21.71
CA LYS A 129 -0.92 1.97 22.93
C LYS A 129 -2.18 1.89 23.75
N TYR A 130 -3.40 2.02 23.20
CA TYR A 130 -4.56 2.12 24.05
C TYR A 130 -4.80 0.75 24.69
N MET A 131 -4.39 -0.39 24.13
CA MET A 131 -4.57 -1.69 24.73
C MET A 131 -3.45 -1.99 25.68
N LYS A 132 -2.25 -1.47 25.57
CA LYS A 132 -1.25 -1.57 26.63
C LYS A 132 -1.72 -0.79 27.87
N VAL A 133 -2.50 0.31 27.74
CA VAL A 133 -3.05 0.99 28.96
C VAL A 133 -4.07 0.08 29.57
N LYS A 134 -4.96 -0.58 28.84
CA LYS A 134 -5.93 -1.47 29.46
CA LYS A 134 -5.93 -1.47 29.48
C LYS A 134 -5.17 -2.59 30.17
N ALA A 135 -4.11 -3.12 29.57
CA ALA A 135 -3.36 -4.20 30.16
C ALA A 135 -2.71 -3.75 31.48
N GLN A 136 -2.17 -2.55 31.58
CA GLN A 136 -1.66 -2.04 32.78
C GLN A 136 -2.82 -1.96 33.81
N GLU A 137 -3.99 -1.46 33.44
CA GLU A 137 -5.12 -1.32 34.41
C GLU A 137 -5.53 -2.70 34.95
N LYS A 138 -5.17 -3.80 34.32
CA LYS A 138 -5.60 -5.12 34.73
CA LYS A 138 -5.61 -5.16 34.63
C LYS A 138 -4.49 -5.93 35.28
N GLY A 139 -3.26 -5.39 35.35
CA GLY A 139 -2.13 -6.20 35.75
C GLY A 139 -1.67 -7.24 34.76
N GLU A 140 -1.89 -6.95 33.46
CA GLU A 140 -1.58 -7.84 32.30
C GLU A 140 -0.45 -7.34 31.37
N GLY A 141 0.51 -6.56 31.88
CA GLY A 141 1.55 -5.93 31.00
C GLY A 141 2.40 -6.93 30.33
N GLU A 142 2.79 -7.99 31.00
CA GLU A 142 3.79 -8.87 30.37
CA GLU A 142 3.65 -8.96 30.46
C GLU A 142 3.13 -9.58 29.15
N GLU A 143 1.90 -9.97 29.24
CA GLU A 143 1.38 -10.67 28.11
CA GLU A 143 1.17 -10.66 28.12
C GLU A 143 1.06 -9.65 27.00
N ALA A 144 0.69 -8.41 27.36
CA ALA A 144 0.58 -7.33 26.32
C ALA A 144 1.86 -6.99 25.64
N ALA A 145 3.03 -7.23 26.27
CA ALA A 145 4.31 -6.84 25.65
C ALA A 145 5.02 -7.94 24.93
N LYS A 146 4.45 -9.15 24.91
CA LYS A 146 5.18 -10.33 24.43
C LYS A 146 5.74 -10.20 23.03
N TYR A 147 4.96 -9.49 22.18
CA TYR A 147 5.34 -9.38 20.75
C TYR A 147 5.68 -7.98 20.36
N ASP A 148 6.25 -7.21 21.28
CA ASP A 148 6.64 -5.87 20.99
C ASP A 148 7.75 -5.74 19.99
N GLU A 149 8.62 -6.76 19.91
CA GLU A 149 9.78 -6.64 19.02
C GLU A 149 9.35 -6.54 17.53
N PRO A 150 9.99 -5.68 16.72
CA PRO A 150 9.61 -5.66 15.22
C PRO A 150 9.73 -7.07 14.68
N ARG A 151 8.84 -7.54 13.81
CA ARG A 151 8.82 -8.92 13.29
C ARG A 151 9.13 -8.89 11.84
N HIS A 152 9.88 -9.84 11.34
CA HIS A 152 10.12 -10.07 9.93
C HIS A 152 9.05 -10.90 9.34
N ILE A 153 8.13 -10.25 8.58
CA ILE A 153 6.96 -10.91 8.06
C ILE A 153 6.87 -10.71 6.52
N CYS A 154 5.70 -11.07 5.99
CA CYS A 154 5.45 -11.03 4.52
C CYS A 154 4.43 -9.94 4.27
N GLU A 155 4.60 -9.09 3.27
CA GLU A 155 3.58 -8.18 2.81
CA GLU A 155 3.51 -8.19 2.76
C GLU A 155 3.05 -8.77 1.47
N ILE A 156 1.76 -8.98 1.31
CA ILE A 156 1.18 -9.55 0.09
C ILE A 156 0.50 -8.49 -0.78
N ASN A 157 0.66 -8.61 -2.08
CA ASN A 157 0.12 -7.60 -3.00
C ASN A 157 -0.01 -8.23 -4.37
N PHE A 158 -0.76 -7.57 -5.28
CA PHE A 158 -0.83 -7.94 -6.67
C PHE A 158 -1.51 -9.25 -6.91
N LEU A 159 -2.42 -9.67 -6.03
CA LEU A 159 -3.21 -10.85 -6.32
C LEU A 159 -4.09 -10.57 -7.54
N CYS A 160 -4.03 -11.49 -8.51
CA CYS A 160 -4.77 -11.25 -9.75
C CYS A 160 -5.10 -12.56 -10.40
N VAL A 161 -6.36 -12.74 -10.80
CA VAL A 161 -6.78 -13.90 -11.66
C VAL A 161 -7.26 -13.34 -12.99
N HIS A 162 -6.88 -13.99 -14.10
CA HIS A 162 -7.30 -13.49 -15.43
C HIS A 162 -8.87 -13.46 -15.44
N LYS A 163 -9.43 -12.48 -16.14
CA LYS A 163 -10.89 -12.35 -16.20
C LYS A 163 -11.59 -13.63 -16.75
N GLN A 164 -10.96 -14.39 -17.63
CA GLN A 164 -11.65 -15.60 -18.12
C GLN A 164 -11.71 -16.71 -17.07
N LEU A 165 -10.91 -16.60 -16.00
CA LEU A 165 -10.84 -17.64 -14.95
CA LEU A 165 -10.82 -17.64 -14.98
C LEU A 165 -11.49 -17.21 -13.67
N ARG A 166 -12.27 -16.15 -13.64
CA ARG A 166 -12.86 -15.68 -12.42
C ARG A 166 -13.92 -16.63 -11.89
N GLU A 167 -14.07 -16.63 -10.59
CA GLU A 167 -15.19 -17.35 -9.87
C GLU A 167 -15.02 -18.84 -10.03
N LYS A 168 -13.80 -19.33 -10.19
CA LYS A 168 -13.51 -20.76 -10.26
C LYS A 168 -12.69 -21.25 -9.06
N ARG A 169 -12.55 -20.42 -8.03
CA ARG A 169 -11.84 -20.79 -6.83
C ARG A 169 -10.33 -20.94 -7.02
N LEU A 170 -9.77 -20.23 -8.02
CA LEU A 170 -8.36 -20.20 -8.21
C LEU A 170 -7.65 -19.29 -7.17
N ALA A 171 -8.26 -18.22 -6.72
CA ALA A 171 -7.58 -17.31 -5.77
C ALA A 171 -7.23 -18.08 -4.48
N PRO A 172 -8.13 -18.88 -3.89
CA PRO A 172 -7.75 -19.62 -2.68
C PRO A 172 -6.53 -20.53 -2.91
N ILE A 173 -6.42 -21.16 -4.09
CA ILE A 173 -5.27 -22.05 -4.32
C ILE A 173 -3.96 -21.20 -4.38
N LEU A 174 -4.03 -20.02 -5.03
CA LEU A 174 -2.86 -19.21 -5.10
CA LEU A 174 -2.90 -19.00 -5.07
C LEU A 174 -2.51 -18.68 -3.69
N ILE A 175 -3.47 -18.35 -2.84
CA ILE A 175 -3.18 -17.91 -1.48
C ILE A 175 -2.60 -19.08 -0.69
N LYS A 176 -3.12 -20.32 -0.83
CA LYS A 176 -2.51 -21.44 -0.10
CA LYS A 176 -2.53 -21.49 -0.13
C LYS A 176 -1.09 -21.72 -0.52
N GLU A 177 -0.83 -21.66 -1.81
CA GLU A 177 0.56 -21.88 -2.26
C GLU A 177 1.50 -20.78 -1.77
N ALA A 178 1.08 -19.53 -1.86
CA ALA A 178 1.93 -18.45 -1.34
C ALA A 178 2.17 -18.68 0.16
N THR A 179 1.12 -19.06 0.97
CA THR A 179 1.28 -19.30 2.38
C THR A 179 2.31 -20.41 2.61
N ARG A 180 2.22 -21.48 1.82
CA ARG A 180 3.19 -22.57 2.00
C ARG A 180 4.60 -22.08 1.76
N ARG A 181 4.81 -21.33 0.66
CA ARG A 181 6.17 -20.86 0.32
C ARG A 181 6.69 -19.93 1.38
N VAL A 182 5.89 -19.10 1.97
CA VAL A 182 6.29 -18.20 3.05
C VAL A 182 6.61 -18.97 4.30
N ASN A 183 5.71 -19.91 4.64
CA ASN A 183 5.89 -20.75 5.86
C ASN A 183 7.20 -21.64 5.65
N ARG A 184 7.53 -22.04 4.46
CA ARG A 184 8.78 -22.85 4.25
C ARG A 184 10.00 -22.02 4.56
N THR A 185 9.84 -20.68 4.61
CA THR A 185 10.99 -19.79 4.98
C THR A 185 10.86 -19.37 6.42
N ASN A 186 10.04 -20.03 7.27
CA ASN A 186 9.88 -19.82 8.62
C ASN A 186 9.26 -18.43 8.97
N VAL A 187 8.36 -17.99 8.08
CA VAL A 187 7.55 -16.78 8.34
C VAL A 187 6.08 -17.20 8.43
N TRP A 188 5.39 -16.68 9.43
CA TRP A 188 4.09 -17.15 9.78
C TRP A 188 2.97 -16.16 9.84
N GLN A 189 3.35 -14.88 9.63
CA GLN A 189 2.34 -13.77 9.51
C GLN A 189 2.53 -13.06 8.21
N ALA A 190 1.40 -12.46 7.78
CA ALA A 190 1.46 -11.50 6.61
C ALA A 190 0.60 -10.32 6.93
N VAL A 191 0.86 -9.24 6.19
CA VAL A 191 -0.01 -8.03 6.17
C VAL A 191 -0.44 -7.83 4.76
N TYR A 192 -1.69 -7.41 4.57
CA TYR A 192 -2.17 -7.13 3.21
C TYR A 192 -3.24 -6.10 3.35
N THR A 193 -3.53 -5.44 2.23
CA THR A 193 -4.66 -4.45 2.11
C THR A 193 -5.51 -4.80 1.00
N ALA A 194 -6.80 -4.40 1.05
CA ALA A 194 -7.72 -4.51 -0.10
C ALA A 194 -8.82 -3.49 0.09
N GLY A 195 -9.51 -3.19 -1.02
CA GLY A 195 -10.72 -2.38 -0.98
C GLY A 195 -11.90 -3.17 -0.46
N VAL A 196 -11.98 -4.40 -0.81
CA VAL A 196 -13.14 -5.26 -0.44
C VAL A 196 -13.06 -5.56 1.05
N LEU A 197 -14.20 -5.76 1.65
CA LEU A 197 -14.36 -6.18 3.04
C LEU A 197 -14.32 -7.71 3.14
N LEU A 198 -13.32 -8.24 3.82
CA LEU A 198 -13.10 -9.66 4.07
C LEU A 198 -13.03 -9.86 5.54
N PRO A 199 -13.09 -11.09 6.04
CA PRO A 199 -12.80 -11.31 7.49
C PRO A 199 -11.32 -11.15 7.80
N THR A 200 -10.91 -10.25 8.68
CA THR A 200 -11.62 -9.14 9.26
C THR A 200 -10.53 -8.06 9.41
N PRO A 201 -10.78 -6.82 8.99
CA PRO A 201 -9.69 -5.83 9.03
C PRO A 201 -9.31 -5.43 10.46
N TYR A 202 -8.11 -5.05 10.72
CA TYR A 202 -7.76 -4.44 12.02
C TYR A 202 -7.81 -2.93 11.90
N ALA A 203 -7.90 -2.34 10.67
CA ALA A 203 -8.01 -0.86 10.52
C ALA A 203 -8.56 -0.65 9.13
N SER A 204 -9.25 0.47 8.95
CA SER A 204 -9.85 0.88 7.63
CA SER A 204 -9.65 0.89 7.57
C SER A 204 -9.74 2.38 7.52
N GLY A 205 -9.40 2.88 6.32
CA GLY A 205 -9.29 4.32 6.08
C GLY A 205 -9.93 4.66 4.76
N GLN A 206 -10.56 5.81 4.70
CA GLN A 206 -11.04 6.31 3.38
CA GLN A 206 -11.02 6.38 3.45
C GLN A 206 -9.88 6.83 2.53
N TYR A 207 -10.07 6.72 1.24
CA TYR A 207 -9.23 7.41 0.26
C TYR A 207 -9.58 8.85 0.15
N PHE A 208 -8.58 9.68 -0.12
CA PHE A 208 -8.70 11.12 -0.39
C PHE A 208 -8.00 11.45 -1.68
N HIS A 209 -8.50 12.44 -2.40
CA HIS A 209 -7.98 12.83 -3.72
CA HIS A 209 -7.97 12.85 -3.71
C HIS A 209 -7.82 14.34 -3.73
N ARG A 210 -6.78 14.80 -4.38
CA ARG A 210 -6.54 16.25 -4.59
C ARG A 210 -6.36 16.47 -6.06
N SER A 211 -7.32 17.15 -6.66
CA SER A 211 -7.26 17.38 -8.12
CA SER A 211 -7.31 17.47 -8.05
C SER A 211 -6.10 18.27 -8.50
N LEU A 212 -5.36 17.86 -9.51
CA LEU A 212 -4.25 18.65 -10.02
C LEU A 212 -4.59 19.13 -11.42
N ASN A 213 -5.25 18.37 -12.24
CA ASN A 213 -5.75 18.75 -13.61
C ASN A 213 -7.24 18.53 -13.65
N PRO A 214 -8.03 19.44 -13.02
CA PRO A 214 -9.49 19.18 -12.86
C PRO A 214 -10.17 19.10 -14.24
N GLU A 215 -9.71 19.82 -15.26
CA GLU A 215 -10.42 19.73 -16.56
C GLU A 215 -10.34 18.29 -17.13
N LYS A 216 -9.16 17.68 -17.04
CA LYS A 216 -9.01 16.29 -17.48
C LYS A 216 -9.80 15.36 -16.56
N LEU A 217 -9.75 15.55 -15.23
CA LEU A 217 -10.47 14.70 -14.32
C LEU A 217 -11.97 14.69 -14.63
N VAL A 218 -12.49 15.88 -14.98
CA VAL A 218 -13.91 15.95 -15.37
C VAL A 218 -14.14 15.30 -16.73
N GLU A 219 -13.26 15.57 -17.69
CA GLU A 219 -13.44 15.01 -19.04
C GLU A 219 -13.52 13.45 -18.93
N ILE A 220 -12.70 12.80 -18.07
CA ILE A 220 -12.72 11.29 -17.99
C ILE A 220 -13.62 10.77 -16.92
N ARG A 221 -14.38 11.65 -16.25
CA ARG A 221 -15.28 11.26 -15.29
C ARG A 221 -14.79 10.63 -13.99
N PHE A 222 -13.55 10.98 -13.66
CA PHE A 222 -13.02 10.67 -12.39
C PHE A 222 -13.71 11.54 -11.40
N SER A 223 -13.93 12.78 -11.88
CA SER A 223 -14.58 13.91 -11.11
C SER A 223 -15.80 14.38 -11.90
N GLY A 224 -16.74 15.02 -11.19
CA GLY A 224 -17.77 15.86 -11.87
C GLY A 224 -17.57 17.33 -11.45
N ILE A 225 -18.30 18.26 -12.05
CA ILE A 225 -18.22 19.64 -11.53
C ILE A 225 -19.19 19.68 -10.35
N PRO A 226 -18.77 20.00 -9.09
CA PRO A 226 -19.73 20.10 -7.91
C PRO A 226 -20.90 21.14 -8.21
N ALA A 227 -22.09 20.89 -7.68
CA ALA A 227 -23.32 21.60 -8.11
C ALA A 227 -23.18 23.07 -7.86
N GLN A 228 -22.46 23.47 -6.82
CA GLN A 228 -22.41 24.92 -6.56
C GLN A 228 -21.74 25.65 -7.71
N TYR A 229 -20.86 24.98 -8.43
CA TYR A 229 -20.15 25.69 -9.48
C TYR A 229 -21.11 26.03 -10.62
N GLN A 230 -22.30 25.43 -10.66
CA GLN A 230 -23.31 25.84 -11.67
C GLN A 230 -23.89 27.21 -11.50
N LYS A 231 -23.71 27.84 -10.35
CA LYS A 231 -24.13 29.20 -10.10
C LYS A 231 -23.15 30.18 -10.80
N PHE A 232 -22.06 29.73 -11.45
CA PHE A 232 -21.16 30.63 -12.12
C PHE A 232 -21.34 30.60 -13.64
N GLN A 233 -20.98 31.75 -14.26
CA GLN A 233 -21.03 31.85 -15.71
C GLN A 233 -20.16 30.80 -16.42
N ASN A 234 -19.01 30.52 -15.79
CA ASN A 234 -18.04 29.57 -16.36
C ASN A 234 -17.62 28.56 -15.29
N PRO A 235 -18.40 27.54 -15.12
CA PRO A 235 -18.16 26.60 -13.98
C PRO A 235 -16.77 26.01 -14.12
N MET A 236 -16.32 25.60 -15.30
CA MET A 236 -14.97 25.00 -15.40
C MET A 236 -13.86 25.96 -15.13
N ALA A 237 -13.96 27.21 -15.55
CA ALA A 237 -12.94 28.13 -15.25
C ALA A 237 -12.79 28.33 -13.75
N MET A 238 -13.90 28.40 -13.03
CA MET A 238 -13.85 28.52 -11.60
C MET A 238 -13.26 27.29 -10.92
N LEU A 239 -13.58 26.09 -11.43
CA LEU A 239 -13.02 24.83 -10.90
C LEU A 239 -11.52 24.85 -11.12
N LYS A 240 -11.04 25.20 -12.32
CA LYS A 240 -9.56 25.28 -12.53
C LYS A 240 -8.96 26.26 -11.62
N ARG A 241 -9.53 27.45 -11.40
CA ARG A 241 -8.96 28.38 -10.58
C ARG A 241 -8.88 27.85 -9.14
N ASN A 242 -9.90 27.20 -8.65
CA ASN A 242 -9.97 26.62 -7.29
CA ASN A 242 -9.89 26.82 -7.27
C ASN A 242 -8.77 25.79 -6.96
N TYR A 243 -8.34 25.01 -7.97
CA TYR A 243 -7.28 24.00 -7.71
CA TYR A 243 -7.29 23.94 -7.77
C TYR A 243 -5.90 24.39 -8.21
N GLN A 244 -5.75 25.66 -8.70
CA GLN A 244 -4.44 26.08 -9.21
CA GLN A 244 -4.50 26.17 -9.18
C GLN A 244 -3.44 26.08 -8.08
N LEU A 245 -2.22 25.77 -8.55
CA LEU A 245 -1.04 25.65 -7.65
C LEU A 245 0.11 26.53 -8.16
N PRO A 246 1.03 26.89 -7.26
CA PRO A 246 2.30 27.51 -7.73
C PRO A 246 2.99 26.67 -8.71
N SER A 247 3.82 27.28 -9.57
CA SER A 247 4.61 26.60 -10.63
C SER A 247 5.96 26.21 -10.16
N ALA A 248 6.36 26.49 -8.95
CA ALA A 248 7.67 26.11 -8.39
C ALA A 248 7.46 25.96 -6.90
N PRO A 249 8.24 25.07 -6.24
CA PRO A 249 8.09 24.86 -4.81
C PRO A 249 8.36 26.07 -3.97
N LYS A 250 7.74 26.16 -2.86
CA LYS A 250 7.84 27.36 -1.98
C LYS A 250 8.89 27.15 -0.89
N ASN A 251 9.30 25.93 -0.52
CA ASN A 251 10.17 25.80 0.64
C ASN A 251 11.54 26.06 0.14
N SER A 252 12.23 26.95 0.87
CA SER A 252 13.63 27.12 0.56
C SER A 252 14.39 25.80 0.89
N GLY A 253 15.29 25.50 0.02
CA GLY A 253 16.20 24.43 0.25
C GLY A 253 15.57 23.09 -0.13
N LEU A 254 14.37 23.11 -0.80
CA LEU A 254 13.87 21.80 -1.33
C LEU A 254 14.75 21.34 -2.48
N ARG A 255 15.13 20.05 -2.49
CA ARG A 255 15.87 19.49 -3.60
C ARG A 255 15.62 17.95 -3.63
N GLU A 256 15.94 17.26 -4.68
CA GLU A 256 15.77 15.79 -4.70
C GLU A 256 16.71 15.17 -3.70
N MET A 257 16.26 14.08 -3.09
CA MET A 257 17.06 13.24 -2.24
C MET A 257 18.22 12.57 -3.02
N LYS A 258 19.36 12.51 -2.33
CA LYS A 258 20.57 11.88 -2.87
C LYS A 258 21.02 10.76 -1.95
N PRO A 259 21.94 9.84 -2.40
CA PRO A 259 22.42 8.82 -1.50
C PRO A 259 22.97 9.25 -0.16
N SER A 260 23.66 10.37 -0.12
CA SER A 260 24.23 10.87 1.09
C SER A 260 23.19 11.25 2.14
N ASP A 261 21.92 11.50 1.70
CA ASP A 261 20.83 11.80 2.66
C ASP A 261 20.30 10.57 3.36
N VAL A 262 20.64 9.38 2.98
CA VAL A 262 19.97 8.19 3.51
C VAL A 262 20.04 8.12 5.02
N PRO A 263 21.19 8.36 5.71
CA PRO A 263 21.14 8.23 7.20
C PRO A 263 20.25 9.23 7.83
N GLN A 264 20.22 10.46 7.39
CA GLN A 264 19.40 11.47 8.07
CA GLN A 264 19.42 11.54 8.01
C GLN A 264 17.91 11.25 7.74
N VAL A 265 17.57 10.82 6.53
CA VAL A 265 16.17 10.55 6.17
C VAL A 265 15.76 9.32 6.98
N ARG A 266 16.58 8.30 7.17
CA ARG A 266 16.23 7.18 8.01
C ARG A 266 15.96 7.62 9.41
N ARG A 267 16.81 8.47 9.98
CA ARG A 267 16.63 8.89 11.37
C ARG A 267 15.31 9.67 11.53
N ILE A 268 15.07 10.67 10.70
CA ILE A 268 13.85 11.44 10.96
C ILE A 268 12.59 10.61 10.64
N LEU A 269 12.66 9.72 9.64
CA LEU A 269 11.49 8.90 9.36
C LEU A 269 11.27 7.94 10.50
N MET A 270 12.28 7.23 10.96
CA MET A 270 12.06 6.26 12.04
C MET A 270 11.58 6.93 13.33
N ASN A 271 12.10 8.11 13.62
CA ASN A 271 11.59 8.73 14.82
CA ASN A 271 11.60 8.83 14.81
C ASN A 271 10.12 9.06 14.69
N TYR A 272 9.67 9.54 13.52
CA TYR A 272 8.28 9.85 13.30
C TYR A 272 7.43 8.59 13.27
N LEU A 273 7.81 7.53 12.58
CA LEU A 273 6.94 6.35 12.47
C LEU A 273 6.77 5.64 13.80
N ASP A 274 7.65 5.98 14.77
N ASP A 274 7.83 5.62 14.57
CA ASP A 274 7.66 5.26 16.06
CA ASP A 274 7.77 4.91 15.76
C ASP A 274 6.41 5.51 16.81
C ASP A 274 6.56 5.40 16.68
N SER A 275 5.89 6.63 16.54
CA SER A 275 4.74 7.12 17.23
C SER A 275 3.40 6.44 16.91
N PHE A 276 3.35 5.68 15.83
CA PHE A 276 2.13 4.98 15.37
C PHE A 276 2.19 3.56 15.89
N ASP A 277 1.04 2.96 16.13
CA ASP A 277 0.98 1.56 16.60
C ASP A 277 1.47 0.51 15.66
N VAL A 278 1.15 0.60 14.33
CA VAL A 278 1.60 -0.39 13.35
C VAL A 278 2.48 0.37 12.38
N GLY A 279 3.72 -0.03 12.17
CA GLY A 279 4.54 0.67 11.18
C GLY A 279 5.82 -0.11 10.86
N PRO A 280 6.41 0.19 9.70
CA PRO A 280 7.61 -0.53 9.27
C PRO A 280 8.87 0.00 9.95
N VAL A 281 9.88 -0.84 9.97
CA VAL A 281 11.26 -0.45 10.39
C VAL A 281 12.10 -0.69 9.19
N PHE A 282 12.84 0.35 8.77
CA PHE A 282 13.67 0.24 7.58
C PHE A 282 15.13 0.34 7.90
N SER A 283 15.91 -0.53 7.25
CA SER A 283 17.39 -0.38 7.29
C SER A 283 17.83 0.68 6.34
N ASP A 284 19.10 1.05 6.37
CA ASP A 284 19.60 2.03 5.39
C ASP A 284 19.35 1.49 3.97
N ALA A 285 19.55 0.20 3.72
CA ALA A 285 19.33 -0.35 2.40
C ALA A 285 17.91 -0.24 1.94
N GLU A 286 16.98 -0.40 2.88
CA GLU A 286 15.54 -0.27 2.52
C GLU A 286 15.13 1.17 2.37
N ILE A 287 15.68 2.12 3.18
CA ILE A 287 15.48 3.54 2.90
C ILE A 287 16.00 3.89 1.53
N SER A 288 17.17 3.43 1.12
CA SER A 288 17.70 3.66 -0.23
CA SER A 288 17.60 3.77 -0.16
C SER A 288 16.72 3.16 -1.26
N HIS A 289 16.31 1.89 -1.12
CA HIS A 289 15.48 1.29 -2.11
C HIS A 289 14.11 1.99 -2.27
N TYR A 290 13.44 2.19 -1.13
CA TYR A 290 12.07 2.75 -1.20
C TYR A 290 12.02 4.25 -1.42
N LEU A 291 13.08 5.01 -1.13
CA LEU A 291 12.96 6.44 -1.19
C LEU A 291 13.89 7.11 -2.16
N LEU A 292 15.01 6.52 -2.60
CA LEU A 292 15.82 7.28 -3.59
C LEU A 292 15.04 7.42 -4.87
N PRO A 293 15.12 8.61 -5.52
CA PRO A 293 14.36 8.85 -6.73
C PRO A 293 14.58 7.79 -7.80
N ARG A 294 13.54 7.35 -8.47
CA ARG A 294 13.63 6.42 -9.61
C ARG A 294 12.70 6.90 -10.64
N ASP A 295 13.18 7.14 -11.85
CA ASP A 295 12.41 7.80 -12.89
C ASP A 295 11.14 7.06 -13.21
N GLY A 296 10.06 7.86 -13.25
CA GLY A 296 8.74 7.30 -13.49
C GLY A 296 8.08 6.49 -12.37
N VAL A 297 8.77 6.36 -11.23
CA VAL A 297 8.33 5.41 -10.19
C VAL A 297 8.20 6.16 -8.86
N VAL A 298 9.28 6.65 -8.30
CA VAL A 298 9.19 7.26 -6.93
C VAL A 298 9.97 8.55 -6.99
N PHE A 299 9.48 9.58 -6.32
CA PHE A 299 9.93 10.97 -6.38
C PHE A 299 10.12 11.38 -4.93
N THR A 300 11.27 11.81 -4.51
CA THR A 300 11.52 12.12 -3.07
C THR A 300 12.37 13.37 -3.00
N TYR A 301 11.92 14.28 -2.14
CA TYR A 301 12.56 15.58 -1.96
C TYR A 301 12.84 15.79 -0.51
N VAL A 302 14.00 16.38 -0.19
CA VAL A 302 14.33 16.77 1.17
C VAL A 302 14.36 18.32 1.25
N VAL A 303 14.08 18.80 2.46
CA VAL A 303 14.33 20.24 2.79
C VAL A 303 15.68 20.27 3.50
N GLU A 304 16.63 20.90 2.82
CA GLU A 304 17.96 21.16 3.38
C GLU A 304 18.28 22.63 3.37
N ASN A 305 18.40 23.15 4.54
CA ASN A 305 18.88 24.60 4.64
C ASN A 305 20.12 24.56 5.53
N ASP A 306 21.12 25.38 5.18
CA ASP A 306 22.31 25.48 6.05
C ASP A 306 22.87 24.06 6.31
N LYS A 307 22.92 23.23 5.29
CA LYS A 307 23.56 21.92 5.39
C LYS A 307 22.92 20.87 6.21
N LYS A 308 21.66 21.04 6.60
CA LYS A 308 21.05 19.98 7.37
C LYS A 308 19.67 19.61 6.76
N VAL A 309 19.50 18.32 6.62
CA VAL A 309 18.14 17.83 6.17
C VAL A 309 17.20 17.71 7.33
N THR A 310 16.12 18.48 7.24
CA THR A 310 15.19 18.62 8.37
C THR A 310 13.78 18.06 8.07
N ASP A 311 13.51 17.79 6.76
CA ASP A 311 12.17 17.34 6.40
C ASP A 311 12.32 16.60 5.11
N PHE A 312 11.34 15.77 4.76
CA PHE A 312 11.35 15.16 3.43
C PHE A 312 9.93 14.72 3.10
N PHE A 313 9.66 14.58 1.80
CA PHE A 313 8.44 13.85 1.39
C PHE A 313 8.76 13.00 0.18
N SER A 314 7.87 12.01 -0.02
CA SER A 314 8.00 11.15 -1.22
C SER A 314 6.59 10.90 -1.76
N PHE A 315 6.55 10.67 -3.08
CA PHE A 315 5.30 10.19 -3.74
C PHE A 315 5.68 9.18 -4.76
N TYR A 316 4.76 8.30 -5.12
CA TYR A 316 5.01 7.35 -6.23
C TYR A 316 3.91 7.45 -7.26
N ARG A 317 4.21 6.93 -8.45
CA ARG A 317 3.31 7.04 -9.60
C ARG A 317 2.60 5.70 -9.86
N ILE A 318 1.28 5.73 -9.95
CA ILE A 318 0.52 4.58 -10.51
C ILE A 318 -0.41 5.13 -11.57
N PRO A 319 -0.12 4.90 -12.84
CA PRO A 319 -1.11 5.30 -13.84
C PRO A 319 -2.22 4.29 -13.93
N SER A 320 -3.40 4.74 -14.42
CA SER A 320 -4.54 3.84 -14.76
C SER A 320 -4.89 4.01 -16.25
N THR A 321 -5.31 2.91 -16.84
CA THR A 321 -5.93 2.96 -18.19
C THR A 321 -7.30 3.57 -18.04
N VAL A 322 -7.57 4.52 -18.91
CA VAL A 322 -8.89 5.14 -19.03
C VAL A 322 -9.60 4.39 -20.14
N ILE A 323 -10.63 3.64 -19.78
CA ILE A 323 -11.19 2.55 -20.65
C ILE A 323 -12.10 3.06 -21.69
N GLY A 324 -12.89 4.07 -21.41
CA GLY A 324 -13.90 4.46 -22.44
C GLY A 324 -13.53 5.63 -23.37
N ASN A 325 -12.99 6.71 -22.77
CA ASN A 325 -12.77 8.05 -23.38
C ASN A 325 -12.09 8.11 -24.74
N SER A 326 -12.30 9.24 -25.44
CA SER A 326 -11.67 9.52 -26.73
C SER A 326 -10.57 10.56 -26.69
N ASN A 327 -10.51 11.36 -25.64
CA ASN A 327 -9.45 12.31 -25.57
C ASN A 327 -8.24 11.82 -24.80
N TYR A 328 -8.47 10.85 -23.88
CA TYR A 328 -7.34 10.39 -23.03
C TYR A 328 -7.39 8.90 -22.83
N ASN A 329 -6.22 8.28 -22.77
CA ASN A 329 -6.03 6.86 -22.59
CA ASN A 329 -6.39 6.87 -22.39
C ASN A 329 -5.55 6.55 -21.16
N LEU A 330 -5.01 7.58 -20.49
CA LEU A 330 -4.29 7.32 -19.19
C LEU A 330 -4.62 8.38 -18.18
N LEU A 331 -4.69 7.97 -16.93
CA LEU A 331 -4.87 8.82 -15.73
C LEU A 331 -3.54 8.70 -15.03
N ASN A 332 -2.83 9.82 -14.78
CA ASN A 332 -1.49 9.76 -14.16
C ASN A 332 -1.66 10.19 -12.69
N ALA A 333 -1.62 9.24 -11.76
CA ALA A 333 -1.86 9.52 -10.33
C ALA A 333 -0.59 9.48 -9.52
N ALA A 334 -0.44 10.47 -8.65
CA ALA A 334 0.69 10.55 -7.64
C ALA A 334 0.13 10.10 -6.30
N TYR A 335 0.77 9.29 -5.57
CA TYR A 335 0.29 8.80 -4.26
C TYR A 335 1.24 9.26 -3.21
N VAL A 336 0.75 9.83 -2.09
CA VAL A 336 1.58 10.25 -0.98
C VAL A 336 2.22 9.02 -0.40
N HIS A 337 3.54 9.04 -0.27
CA HIS A 337 4.30 7.89 0.29
C HIS A 337 4.73 8.27 1.70
N TYR A 338 5.94 8.00 2.15
CA TYR A 338 6.41 8.44 3.46
C TYR A 338 6.86 9.87 3.42
N TYR A 339 6.88 10.50 4.59
CA TYR A 339 7.34 11.86 4.79
C TYR A 339 7.71 12.03 6.25
N ALA A 340 8.40 13.13 6.55
CA ALA A 340 8.65 13.49 8.00
C ALA A 340 8.91 14.98 8.00
N ALA A 341 8.27 15.70 8.92
CA ALA A 341 8.48 17.18 9.05
C ALA A 341 9.01 17.47 10.43
N THR A 342 10.16 18.11 10.52
CA THR A 342 10.64 18.60 11.82
C THR A 342 10.79 20.07 11.84
N SER A 343 10.80 20.80 10.75
CA SER A 343 11.05 22.28 10.74
C SER A 343 9.90 23.12 10.32
N ILE A 344 8.91 22.50 9.66
CA ILE A 344 7.77 23.22 9.11
C ILE A 344 6.56 22.42 9.31
N PRO A 345 5.35 23.06 9.24
CA PRO A 345 4.16 22.31 9.42
C PRO A 345 3.95 21.32 8.25
N LEU A 346 3.23 20.25 8.52
CA LEU A 346 3.06 19.25 7.53
CA LEU A 346 3.00 19.23 7.50
C LEU A 346 2.34 19.80 6.28
N HIS A 347 1.32 20.66 6.48
CA HIS A 347 0.68 21.19 5.31
C HIS A 347 1.65 21.95 4.36
N GLN A 348 2.68 22.66 4.92
CA GLN A 348 3.58 23.39 4.13
C GLN A 348 4.54 22.45 3.36
N LEU A 349 4.86 21.33 4.00
CA LEU A 349 5.71 20.32 3.30
C LEU A 349 4.93 19.70 2.15
N ILE A 350 3.71 19.32 2.44
CA ILE A 350 2.90 18.55 1.44
C ILE A 350 2.38 19.49 0.32
N LEU A 351 2.26 20.84 0.62
CA LEU A 351 1.97 21.68 -0.53
C LEU A 351 3.04 21.55 -1.63
N ASP A 352 4.30 21.49 -1.20
CA ASP A 352 5.36 21.29 -2.22
C ASP A 352 5.32 19.93 -2.96
N LEU A 353 4.82 18.90 -2.29
CA LEU A 353 4.50 17.64 -2.99
C LEU A 353 3.49 17.92 -4.11
N LEU A 354 2.37 18.58 -3.79
CA LEU A 354 1.38 18.86 -4.81
C LEU A 354 1.98 19.70 -5.96
N ILE A 355 2.80 20.72 -5.59
CA ILE A 355 3.40 21.58 -6.65
C ILE A 355 4.29 20.76 -7.53
N VAL A 356 5.17 19.90 -6.92
CA VAL A 356 6.07 19.16 -7.79
C VAL A 356 5.27 18.13 -8.65
N ALA A 357 4.31 17.46 -8.03
CA ALA A 357 3.54 16.46 -8.80
C ALA A 357 2.79 17.18 -9.99
N HIS A 358 2.18 18.31 -9.69
CA HIS A 358 1.51 19.07 -10.80
C HIS A 358 2.52 19.50 -11.89
N SER A 359 3.69 19.99 -11.47
CA SER A 359 4.72 20.38 -12.45
CA SER A 359 4.66 20.41 -12.49
C SER A 359 5.15 19.25 -13.32
N ARG A 360 5.19 18.04 -12.77
CA ARG A 360 5.61 16.83 -13.48
C ARG A 360 4.50 16.18 -14.25
N GLY A 361 3.34 16.78 -14.33
CA GLY A 361 2.27 16.28 -15.22
C GLY A 361 1.33 15.22 -14.62
N PHE A 362 1.27 15.15 -13.30
CA PHE A 362 0.29 14.28 -12.66
C PHE A 362 -1.05 14.93 -12.62
N ASP A 363 -2.10 14.14 -12.69
CA ASP A 363 -3.47 14.61 -12.78
C ASP A 363 -4.21 14.76 -11.46
N VAL A 364 -3.77 13.95 -10.48
CA VAL A 364 -4.42 13.81 -9.17
C VAL A 364 -3.39 13.34 -8.20
N CYS A 365 -3.55 13.71 -6.92
CA CYS A 365 -2.76 13.13 -5.84
C CYS A 365 -3.71 12.33 -4.93
N ASN A 366 -3.38 11.11 -4.66
CA ASN A 366 -4.22 10.21 -3.82
C ASN A 366 -3.51 9.86 -2.52
N MET A 367 -4.29 9.50 -1.53
CA MET A 367 -3.74 9.00 -0.27
C MET A 367 -4.84 8.35 0.52
N VAL A 368 -4.48 7.57 1.52
CA VAL A 368 -5.43 7.05 2.54
C VAL A 368 -5.21 7.90 3.78
N GLU A 369 -6.18 7.96 4.67
CA GLU A 369 -6.08 8.75 5.92
C GLU A 369 -5.27 8.01 7.02
N ILE A 370 -4.16 7.45 6.62
CA ILE A 370 -3.19 6.89 7.56
C ILE A 370 -2.18 7.98 7.92
N LEU A 371 -1.19 7.63 8.73
CA LEU A 371 -0.14 8.57 9.14
C LEU A 371 -0.84 9.84 9.75
N ASP A 372 -0.31 11.02 9.44
CA ASP A 372 -0.99 12.26 9.84
C ASP A 372 -1.61 12.92 8.61
N ASN A 373 -2.06 12.07 7.66
CA ASN A 373 -2.60 12.61 6.42
C ASN A 373 -3.89 13.47 6.66
N ARG A 374 -4.62 13.20 7.76
CA ARG A 374 -5.83 14.03 8.01
C ARG A 374 -5.45 15.45 8.35
N SER A 375 -4.21 15.73 8.75
CA SER A 375 -3.88 17.05 9.23
CA SER A 375 -3.81 17.07 9.18
C SER A 375 -3.73 18.09 8.10
N PHE A 376 -3.71 17.70 6.84
CA PHE A 376 -3.59 18.71 5.82
C PHE A 376 -4.71 18.59 4.78
N VAL A 377 -5.72 17.76 5.04
CA VAL A 377 -6.80 17.52 4.05
C VAL A 377 -7.51 18.82 3.61
N GLU A 378 -7.96 19.60 4.62
CA GLU A 378 -8.85 20.72 4.25
C GLU A 378 -8.03 21.84 3.63
N GLN A 379 -6.91 22.23 4.23
CA GLN A 379 -6.21 23.40 3.71
C GLN A 379 -5.72 23.07 2.31
N LEU A 380 -5.28 21.82 2.07
CA LEU A 380 -4.71 21.48 0.77
C LEU A 380 -5.78 21.02 -0.18
N LYS A 381 -7.05 21.08 0.18
CA LYS A 381 -8.19 20.87 -0.75
C LYS A 381 -8.31 19.44 -1.25
N PHE A 382 -7.90 18.49 -0.40
CA PHE A 382 -8.26 17.08 -0.67
C PHE A 382 -9.72 16.89 -0.40
N GLY A 383 -10.34 15.94 -1.04
CA GLY A 383 -11.74 15.55 -0.68
C GLY A 383 -11.71 14.03 -0.48
N ALA A 384 -12.60 13.52 0.39
CA ALA A 384 -12.80 12.08 0.50
C ALA A 384 -13.41 11.51 -0.74
N GLY A 385 -12.92 10.33 -1.16
CA GLY A 385 -13.50 9.57 -2.23
C GLY A 385 -14.47 8.52 -1.74
N ASP A 386 -14.94 7.65 -2.58
CA ASP A 386 -15.85 6.59 -2.11
C ASP A 386 -15.17 5.31 -1.72
N GLY A 387 -13.86 5.31 -1.92
CA GLY A 387 -13.14 4.03 -1.64
C GLY A 387 -12.63 4.03 -0.23
N HIS A 388 -12.09 2.86 0.05
N HIS A 388 -12.60 2.83 0.39
CA HIS A 388 -11.42 2.70 1.28
CA HIS A 388 -11.88 2.61 1.70
C HIS A 388 -10.34 1.72 1.01
C HIS A 388 -10.87 1.46 1.67
N LEU A 389 -9.53 1.72 2.00
CA LEU A 389 -8.44 0.72 2.09
C LEU A 389 -8.52 0.05 3.43
N ARG A 390 -8.74 -1.26 3.44
CA ARG A 390 -8.79 -2.06 4.68
C ARG A 390 -7.49 -2.79 4.87
N TYR A 391 -6.99 -2.77 6.09
CA TYR A 391 -5.71 -3.36 6.52
C TYR A 391 -6.00 -4.68 7.25
N TYR A 392 -5.31 -5.73 6.84
CA TYR A 392 -5.50 -7.08 7.40
C TYR A 392 -4.19 -7.67 7.82
N PHE A 393 -4.26 -8.59 8.81
CA PHE A 393 -3.18 -9.52 9.11
C PHE A 393 -3.63 -10.92 8.84
N TYR A 394 -2.68 -11.78 8.43
CA TYR A 394 -2.84 -13.22 8.33
C TYR A 394 -2.12 -13.82 9.54
N ASN A 395 -2.90 -14.62 10.34
CA ASN A 395 -2.36 -15.34 11.51
C ASN A 395 -1.87 -14.36 12.56
N TRP A 396 -2.62 -13.29 12.84
CA TRP A 396 -2.24 -12.38 13.88
C TRP A 396 -3.45 -11.76 14.48
N ALA A 397 -3.73 -12.04 15.75
CA ALA A 397 -4.84 -11.35 16.49
C ALA A 397 -4.37 -9.96 16.77
N TYR A 398 -5.26 -9.00 16.56
CA TYR A 398 -4.84 -7.62 16.81
C TYR A 398 -6.08 -6.76 17.15
N PRO A 399 -6.00 -5.86 18.12
CA PRO A 399 -7.17 -5.02 18.39
C PRO A 399 -7.47 -4.07 17.30
N LYS A 400 -8.67 -3.64 17.10
CA LYS A 400 -8.96 -2.61 16.09
C LYS A 400 -8.29 -1.37 16.47
N ILE A 401 -7.68 -0.72 15.48
CA ILE A 401 -7.04 0.57 15.65
C ILE A 401 -7.57 1.57 14.58
N LYS A 402 -7.46 2.84 14.94
CA LYS A 402 -7.83 3.89 13.94
C LYS A 402 -6.78 3.97 12.83
N PRO A 403 -7.22 4.45 11.65
CA PRO A 403 -6.19 4.47 10.56
C PRO A 403 -5.09 5.47 10.84
N SER A 404 -5.32 6.50 11.65
CA SER A 404 -4.25 7.43 12.07
C SER A 404 -3.27 6.79 13.10
N GLN A 405 -3.43 5.51 13.38
CA GLN A 405 -2.38 4.77 14.10
CA GLN A 405 -2.48 4.72 14.18
C GLN A 405 -1.67 3.74 13.26
N VAL A 406 -1.91 3.85 11.91
CA VAL A 406 -1.22 2.99 10.92
C VAL A 406 -0.21 3.84 10.17
N ALA A 407 1.02 3.33 10.08
CA ALA A 407 2.11 3.99 9.38
C ALA A 407 2.69 3.15 8.24
N LEU A 408 2.05 2.07 7.85
CA LEU A 408 2.50 1.28 6.70
C LEU A 408 1.77 1.69 5.42
N VAL A 409 2.58 2.21 4.48
CA VAL A 409 2.03 2.53 3.12
C VAL A 409 2.10 1.24 2.30
N MET A 410 0.99 0.83 1.67
CA MET A 410 0.90 -0.33 0.85
CA MET A 410 1.08 -0.32 0.75
C MET A 410 0.77 0.14 -0.65
N LEU A 411 1.63 -0.38 -1.51
CA LEU A 411 1.68 0.10 -2.90
C LEU A 411 0.53 -0.41 -3.76
#